data_5R58
#
_entry.id   5R58
#
_cell.length_a   49.540
_cell.length_b   52.240
_cell.length_c   101.680
_cell.angle_alpha   90.000
_cell.angle_beta   90.000
_cell.angle_gamma   90.000
#
_symmetry.space_group_name_H-M   'P 21 21 21'
#
loop_
_entity.id
_entity.type
_entity.pdbx_description
1 polymer 'Uridine diphosphate glucose pyrophosphatase NUDT22'
2 non-polymer (3~{R},4~{R})-1,1-bis(oxidanylidene)-4-(pyridin-3-ylmethylamino)thiolan-3-ol
3 non-polymer 'DIMETHYL SULFOXIDE'
4 water water
#
_entity_poly.entity_id   1
_entity_poly.type   'polypeptide(L)'
_entity_poly.pdbx_seq_one_letter_code
;SMDPEVTLLLQCPGGGLPQEQIQAELSPAHDRRPLPGGDEAITAIWETRLKAQPWLFDAPKFRLHSATLAPIGSRGPQLL
LRLGLTSYRDFLGTNWSSSAAWLRQQGATDWGDTQAYLADPLGVGAALATADDFLVFLRRSRQVAEAPGLVDVPGGHPEP
QALCPGGSPQHQDLAGQLVVHELFSSVLQEICDEVNLPLLTLSQPLLLGIARNETSAGRASAEFYVQCSLTSEQVRKHYL
SGGPEAHESTGIFFVETQNVRRLPETEMWAELCPSAKGAIILYNRVQGSPTGAALGSPALLPPL
;
_entity_poly.pdbx_strand_id   A
#
# COMPACT_ATOMS: atom_id res chain seq x y z
N ASP A 3 -6.55 -1.66 -16.60
N ASP A 3 -7.01 -1.73 -16.03
CA ASP A 3 -5.25 -1.68 -15.87
CA ASP A 3 -5.52 -1.76 -15.94
C ASP A 3 -5.02 -3.07 -15.26
C ASP A 3 -5.09 -3.08 -15.29
N PRO A 4 -4.56 -4.05 -16.06
CA PRO A 4 -4.41 -5.42 -15.55
C PRO A 4 -3.47 -5.58 -14.34
N GLU A 5 -2.57 -4.65 -14.04
CA GLU A 5 -1.56 -4.92 -12.99
C GLU A 5 -2.09 -4.50 -11.61
N VAL A 6 -3.28 -3.90 -11.55
CA VAL A 6 -3.87 -3.58 -10.22
C VAL A 6 -5.37 -3.92 -10.21
N THR A 7 -5.82 -4.64 -9.17
CA THR A 7 -7.25 -4.95 -8.87
C THR A 7 -7.62 -4.41 -7.49
N LEU A 8 -8.85 -3.92 -7.32
CA LEU A 8 -9.32 -3.39 -6.01
C LEU A 8 -9.90 -4.53 -5.21
N LEU A 9 -9.38 -4.77 -4.01
CA LEU A 9 -9.99 -5.75 -3.07
C LEU A 9 -11.05 -5.05 -2.22
N LEU A 10 -10.84 -3.81 -1.81
CA LEU A 10 -11.75 -3.05 -0.90
C LEU A 10 -11.79 -1.58 -1.34
N GLN A 11 -12.98 -0.99 -1.36
CA GLN A 11 -13.24 0.46 -1.52
C GLN A 11 -14.03 0.91 -0.27
N CYS A 12 -13.44 1.72 0.60
CA CYS A 12 -14.08 2.07 1.89
C CYS A 12 -15.24 3.04 1.66
N PRO A 13 -16.28 3.02 2.53
CA PRO A 13 -17.36 4.00 2.50
C PRO A 13 -17.10 5.30 3.28
N GLY A 14 -18.03 6.25 3.14
CA GLY A 14 -18.02 7.46 3.96
C GLY A 14 -16.79 8.33 3.72
N GLY A 15 -16.20 8.28 2.52
CA GLY A 15 -15.00 9.06 2.19
C GLY A 15 -13.74 8.48 2.82
N GLY A 16 -13.83 7.32 3.47
CA GLY A 16 -12.69 6.59 4.05
C GLY A 16 -12.85 6.38 5.55
N LEU A 17 -12.19 5.36 6.10
CA LEU A 17 -12.46 4.87 7.49
C LEU A 17 -11.36 5.28 8.46
N PRO A 18 -11.67 5.93 9.61
CA PRO A 18 -10.68 6.22 10.64
C PRO A 18 -10.29 4.95 11.41
N GLN A 19 -9.16 5.00 12.13
CA GLN A 19 -8.61 3.91 13.00
C GLN A 19 -9.71 3.28 13.89
N GLU A 20 -10.58 4.08 14.51
CA GLU A 20 -11.49 3.61 15.60
C GLU A 20 -12.63 2.76 15.02
N GLN A 21 -12.78 2.69 13.71
CA GLN A 21 -13.88 1.93 13.07
C GLN A 21 -13.34 0.63 12.47
N ILE A 22 -12.07 0.28 12.74
CA ILE A 22 -11.46 -0.95 12.16
C ILE A 22 -11.06 -1.94 13.26
N GLN A 23 -11.41 -3.19 13.03
CA GLN A 23 -11.07 -4.37 13.87
C GLN A 23 -10.06 -5.23 13.09
N ALA A 24 -9.09 -5.83 13.76
CA ALA A 24 -8.20 -6.84 13.16
C ALA A 24 -8.26 -8.13 13.98
N GLU A 25 -8.17 -9.25 13.26
CA GLU A 25 -8.02 -10.61 13.80
C GLU A 25 -6.65 -11.13 13.32
N LEU A 26 -5.67 -11.14 14.22
CA LEU A 26 -4.32 -11.66 13.89
C LEU A 26 -4.25 -13.10 14.38
N SER A 27 -4.31 -14.07 13.45
CA SER A 27 -4.46 -15.51 13.76
C SER A 27 -3.54 -16.37 12.89
N PRO A 28 -2.92 -17.45 13.44
CA PRO A 28 -2.14 -18.38 12.62
C PRO A 28 -3.00 -19.13 11.59
N ALA A 29 -4.32 -19.07 11.69
CA ALA A 29 -5.28 -19.55 10.65
C ALA A 29 -5.16 -18.68 9.38
N HIS A 30 -4.56 -17.49 9.47
CA HIS A 30 -4.43 -16.54 8.33
C HIS A 30 -3.04 -16.63 7.68
N ASP A 31 -2.18 -17.56 8.13
CA ASP A 31 -0.79 -17.72 7.61
C ASP A 31 -0.82 -18.33 6.21
N ARG A 32 0.29 -18.26 5.49
CA ARG A 32 0.56 -19.02 4.23
C ARG A 32 0.49 -20.52 4.53
N ARG A 33 -0.02 -21.34 3.61
CA ARG A 33 0.03 -22.81 3.76
C ARG A 33 1.44 -23.27 3.37
N PRO A 34 2.03 -24.27 4.08
CA PRO A 34 3.32 -24.84 3.67
C PRO A 34 3.28 -25.29 2.21
N LEU A 35 4.38 -25.15 1.48
CA LEU A 35 4.41 -25.43 0.01
C LEU A 35 4.17 -26.92 -0.18
N PRO A 36 3.52 -27.35 -1.30
CA PRO A 36 3.26 -28.77 -1.54
C PRO A 36 4.50 -29.66 -1.36
N GLY A 37 5.66 -29.24 -1.89
CA GLY A 37 6.90 -30.04 -1.81
C GLY A 37 7.72 -29.72 -0.57
N GLY A 38 7.22 -28.85 0.32
CA GLY A 38 7.91 -28.45 1.55
C GLY A 38 8.53 -27.06 1.42
N ASP A 39 8.69 -26.35 2.55
CA ASP A 39 9.28 -24.98 2.62
C ASP A 39 10.82 -25.01 2.47
N GLU A 40 11.46 -26.17 2.35
CA GLU A 40 12.89 -26.32 1.91
C GLU A 40 13.19 -25.45 0.69
N ALA A 41 12.26 -25.33 -0.26
CA ALA A 41 12.41 -24.56 -1.52
C ALA A 41 12.62 -23.06 -1.22
N ILE A 42 12.03 -22.54 -0.14
CA ILE A 42 12.17 -21.12 0.29
C ILE A 42 13.56 -20.98 0.93
N THR A 43 13.89 -21.89 1.84
CA THR A 43 15.22 -22.01 2.51
C THR A 43 16.36 -22.03 1.47
N ALA A 44 16.22 -22.77 0.35
CA ALA A 44 17.26 -22.90 -0.72
C ALA A 44 17.45 -21.56 -1.47
N ILE A 45 16.36 -20.84 -1.82
CA ILE A 45 16.45 -19.52 -2.51
C ILE A 45 17.15 -18.52 -1.56
N TRP A 46 16.87 -18.60 -0.26
CA TRP A 46 17.40 -17.67 0.77
C TRP A 46 18.92 -17.89 0.95
N GLU A 47 19.35 -19.14 1.07
CA GLU A 47 20.79 -19.53 1.18
C GLU A 47 21.58 -18.98 -0.03
N THR A 48 21.07 -19.21 -1.25
CA THR A 48 21.68 -18.74 -2.51
C THR A 48 21.86 -17.22 -2.44
N ARG A 49 20.83 -16.51 -1.98
CA ARG A 49 20.79 -15.03 -1.97
C ARG A 49 21.82 -14.50 -0.95
N LEU A 50 21.84 -15.07 0.26
CA LEU A 50 22.76 -14.68 1.36
C LEU A 50 24.18 -15.01 0.92
N LYS A 51 24.36 -16.03 0.12
CA LYS A 51 25.75 -16.36 -0.29
C LYS A 51 26.26 -15.36 -1.35
N ALA A 52 25.39 -14.55 -1.95
CA ALA A 52 25.79 -13.43 -2.86
C ALA A 52 25.80 -12.09 -2.12
N GLN A 53 24.88 -11.90 -1.17
CA GLN A 53 24.64 -10.62 -0.45
C GLN A 53 24.49 -10.95 1.04
N PRO A 54 25.61 -11.26 1.74
CA PRO A 54 25.55 -11.72 3.12
C PRO A 54 25.16 -10.63 4.14
N TRP A 55 25.01 -9.36 3.70
CA TRP A 55 24.55 -8.23 4.55
C TRP A 55 23.02 -8.16 4.63
N LEU A 56 22.30 -8.92 3.80
CA LEU A 56 20.81 -9.02 3.87
C LEU A 56 20.38 -9.66 5.18
N PHE A 57 19.25 -9.22 5.73
CA PHE A 57 18.63 -9.73 6.98
C PHE A 57 17.14 -9.91 6.70
N ASP A 58 16.56 -10.89 7.39
CA ASP A 58 15.12 -11.23 7.32
C ASP A 58 14.40 -10.18 8.18
N ALA A 59 13.09 -10.02 8.01
CA ALA A 59 12.22 -9.20 8.88
C ALA A 59 10.79 -9.78 8.82
N PRO A 60 10.06 -9.79 9.96
CA PRO A 60 8.64 -10.16 9.96
C PRO A 60 7.78 -9.12 9.22
N LYS A 61 6.65 -9.59 8.70
CA LYS A 61 5.67 -8.76 7.96
C LYS A 61 4.27 -9.24 8.39
N PHE A 62 3.27 -8.36 8.34
CA PHE A 62 1.83 -8.75 8.33
C PHE A 62 1.48 -9.41 6.97
N ARG A 63 0.67 -10.46 6.99
CA ARG A 63 0.02 -11.10 5.82
C ARG A 63 -1.47 -10.73 5.81
N LEU A 64 -1.98 -10.20 4.71
CA LEU A 64 -3.41 -10.02 4.43
C LEU A 64 -3.96 -11.38 4.00
N HIS A 65 -4.90 -11.91 4.76
CA HIS A 65 -5.75 -13.05 4.33
C HIS A 65 -7.01 -12.52 3.62
N SER A 66 -7.71 -11.58 4.24
CA SER A 66 -9.04 -11.11 3.76
C SER A 66 -9.45 -9.88 4.58
N ALA A 67 -10.47 -9.17 4.09
CA ALA A 67 -10.99 -7.95 4.72
C ALA A 67 -12.47 -7.87 4.39
N THR A 68 -13.33 -7.90 5.41
CA THR A 68 -14.80 -7.92 5.27
C THR A 68 -15.38 -6.57 5.74
N LEU A 69 -16.13 -5.90 4.86
CA LEU A 69 -16.84 -4.63 5.18
C LEU A 69 -18.23 -4.92 5.74
N ALA A 70 -18.61 -4.21 6.82
CA ALA A 70 -19.97 -4.25 7.39
C ALA A 70 -20.98 -3.73 6.36
N PRO A 71 -22.29 -4.03 6.54
CA PRO A 71 -23.36 -3.40 5.75
C PRO A 71 -23.26 -1.88 5.84
N ILE A 72 -23.36 -1.18 4.70
CA ILE A 72 -23.16 0.29 4.68
C ILE A 72 -24.25 0.97 5.52
N GLY A 73 -23.86 2.06 6.17
CA GLY A 73 -24.75 2.86 7.03
C GLY A 73 -24.87 2.29 8.42
N SER A 74 -24.18 1.19 8.75
CA SER A 74 -24.30 0.50 10.07
C SER A 74 -23.53 1.27 11.15
N ARG A 75 -23.91 1.00 12.40
CA ARG A 75 -23.24 1.46 13.64
C ARG A 75 -22.23 0.37 14.03
N GLY A 76 -21.23 0.72 14.84
CA GLY A 76 -20.19 -0.22 15.29
C GLY A 76 -19.08 -0.37 14.27
N PRO A 77 -18.09 -1.25 14.55
CA PRO A 77 -16.96 -1.48 13.65
C PRO A 77 -17.42 -1.70 12.19
N GLN A 78 -16.76 -1.06 11.23
CA GLN A 78 -17.17 -1.05 9.80
C GLN A 78 -16.30 -2.01 8.97
N LEU A 79 -15.12 -2.40 9.47
CA LEU A 79 -14.21 -3.31 8.73
C LEU A 79 -13.59 -4.33 9.68
N LEU A 80 -13.50 -5.59 9.26
CA LEU A 80 -12.65 -6.62 9.91
C LEU A 80 -11.50 -6.99 8.96
N LEU A 81 -10.25 -6.79 9.37
CA LEU A 81 -9.06 -7.25 8.61
C LEU A 81 -8.61 -8.58 9.23
N ARG A 82 -8.57 -9.63 8.42
CA ARG A 82 -8.02 -10.95 8.79
C ARG A 82 -6.55 -10.98 8.37
N LEU A 83 -5.68 -11.11 9.35
CA LEU A 83 -4.21 -10.95 9.23
C LEU A 83 -3.51 -12.19 9.81
N GLY A 84 -2.45 -12.67 9.14
CA GLY A 84 -1.45 -13.56 9.75
C GLY A 84 -0.08 -12.93 9.75
N LEU A 85 0.97 -13.75 9.85
CA LEU A 85 2.39 -13.30 9.86
C LEU A 85 3.11 -13.96 8.70
N THR A 86 4.05 -13.24 8.10
CA THR A 86 4.97 -13.74 7.04
C THR A 86 6.33 -13.07 7.26
N SER A 87 7.18 -13.03 6.25
CA SER A 87 8.54 -12.50 6.33
C SER A 87 9.02 -12.07 4.94
N TYR A 88 10.06 -11.23 4.90
CA TYR A 88 10.83 -10.88 3.68
C TYR A 88 11.30 -12.17 2.98
N ARG A 89 11.82 -13.13 3.74
CA ARG A 89 12.37 -14.42 3.19
C ARG A 89 11.27 -15.24 2.49
N ASP A 90 10.07 -15.35 3.11
CA ASP A 90 8.95 -16.12 2.53
C ASP A 90 8.51 -15.42 1.23
N PHE A 91 8.52 -14.08 1.24
CA PHE A 91 8.26 -13.22 0.05
C PHE A 91 9.20 -13.60 -1.08
N LEU A 92 10.51 -13.62 -0.79
CA LEU A 92 11.54 -13.86 -1.82
C LEU A 92 11.34 -15.26 -2.45
N GLY A 93 10.95 -16.24 -1.65
CA GLY A 93 10.72 -17.62 -2.12
C GLY A 93 9.35 -17.87 -2.72
N THR A 94 8.39 -16.93 -2.65
CA THR A 94 7.03 -17.19 -3.18
C THR A 94 6.65 -16.10 -4.18
N ASN A 95 6.13 -14.96 -3.72
CA ASN A 95 5.66 -13.88 -4.63
C ASN A 95 6.73 -13.50 -5.66
N TRP A 96 8.00 -13.45 -5.24
CA TRP A 96 9.14 -12.94 -6.06
C TRP A 96 9.74 -14.08 -6.89
N SER A 97 9.47 -15.33 -6.54
CA SER A 97 9.92 -16.53 -7.30
C SER A 97 9.45 -16.51 -8.76
N SER A 98 10.23 -17.09 -9.65
CA SER A 98 9.89 -17.19 -11.10
C SER A 98 8.66 -18.11 -11.25
N SER A 99 8.48 -19.04 -10.32
N SER A 99 8.49 -19.04 -10.30
CA SER A 99 7.38 -20.04 -10.34
CA SER A 99 7.42 -20.07 -10.27
C SER A 99 6.13 -19.55 -9.60
C SER A 99 6.14 -19.55 -9.60
N ALA A 100 6.03 -18.25 -9.31
CA ALA A 100 4.88 -17.66 -8.56
C ALA A 100 3.52 -18.01 -9.22
N ALA A 101 3.45 -18.00 -10.55
CA ALA A 101 2.20 -18.28 -11.30
C ALA A 101 1.82 -19.75 -11.08
N TRP A 102 2.80 -20.67 -11.03
CA TRP A 102 2.56 -22.09 -10.71
C TRP A 102 2.04 -22.24 -9.28
N LEU A 103 2.54 -21.45 -8.33
CA LEU A 103 2.07 -21.51 -6.91
C LEU A 103 0.62 -21.02 -6.85
N ARG A 104 0.24 -20.02 -7.67
CA ARG A 104 -1.18 -19.55 -7.71
C ARG A 104 -2.13 -20.65 -8.21
N GLN A 105 -1.78 -21.35 -9.29
CA GLN A 105 -2.58 -22.46 -9.88
C GLN A 105 -2.74 -23.58 -8.83
N GLN A 106 -1.64 -23.95 -8.15
N GLN A 106 -1.66 -23.94 -8.14
CA GLN A 106 -1.60 -25.02 -7.12
CA GLN A 106 -1.65 -25.05 -7.14
C GLN A 106 -2.55 -24.65 -5.98
C GLN A 106 -2.54 -24.67 -5.94
N GLY A 107 -2.53 -23.40 -5.53
CA GLY A 107 -3.44 -22.89 -4.50
C GLY A 107 -4.91 -22.97 -4.90
N ALA A 108 -5.23 -22.61 -6.15
CA ALA A 108 -6.59 -22.75 -6.71
C ALA A 108 -7.03 -24.22 -6.60
N THR A 109 -6.21 -25.14 -7.11
CA THR A 109 -6.43 -26.62 -7.14
C THR A 109 -6.59 -27.17 -5.72
N ASP A 110 -5.65 -26.89 -4.82
CA ASP A 110 -5.56 -27.54 -3.49
C ASP A 110 -6.51 -26.93 -2.47
N TRP A 111 -6.65 -25.60 -2.42
CA TRP A 111 -7.33 -24.88 -1.33
C TRP A 111 -8.47 -24.01 -1.86
N GLY A 112 -8.76 -23.97 -3.16
CA GLY A 112 -9.69 -22.97 -3.73
C GLY A 112 -9.28 -21.52 -3.42
N ASP A 113 -7.98 -21.23 -3.44
CA ASP A 113 -7.39 -19.93 -3.03
C ASP A 113 -6.05 -19.73 -3.78
N THR A 114 -6.06 -18.85 -4.78
CA THR A 114 -4.87 -18.49 -5.61
C THR A 114 -3.73 -18.00 -4.71
N GLN A 115 -4.02 -17.50 -3.50
CA GLN A 115 -2.99 -16.89 -2.61
C GLN A 115 -2.45 -17.87 -1.52
N ALA A 116 -3.04 -19.08 -1.39
CA ALA A 116 -2.79 -19.99 -0.24
C ALA A 116 -1.30 -20.26 -0.08
N TYR A 117 -0.54 -20.35 -1.17
CA TYR A 117 0.91 -20.68 -1.12
C TYR A 117 1.80 -19.44 -1.25
N LEU A 118 1.27 -18.22 -1.09
CA LEU A 118 2.00 -16.95 -1.31
C LEU A 118 2.14 -16.19 0.02
N ALA A 119 3.34 -15.67 0.31
CA ALA A 119 3.65 -14.86 1.52
C ALA A 119 2.70 -13.67 1.62
N ASP A 120 2.46 -12.95 0.51
CA ASP A 120 1.51 -11.80 0.43
C ASP A 120 1.74 -10.83 1.59
N PRO A 121 2.97 -10.30 1.83
CA PRO A 121 3.18 -9.24 2.81
C PRO A 121 2.37 -7.96 2.51
N LEU A 122 1.77 -7.39 3.56
CA LEU A 122 0.88 -6.21 3.45
C LEU A 122 1.71 -4.91 3.42
N GLY A 123 1.61 -4.17 2.31
CA GLY A 123 2.12 -2.81 2.20
C GLY A 123 1.16 -1.75 2.75
N VAL A 124 1.66 -0.54 3.02
CA VAL A 124 0.86 0.71 3.24
C VAL A 124 1.34 1.78 2.24
N GLY A 125 0.43 2.58 1.73
CA GLY A 125 0.71 3.74 0.87
C GLY A 125 -0.18 4.90 1.22
N ALA A 126 0.20 6.11 0.81
CA ALA A 126 -0.59 7.32 1.09
C ALA A 126 -0.75 8.16 -0.19
N ALA A 127 -1.98 8.64 -0.42
CA ALA A 127 -2.29 9.88 -1.12
C ALA A 127 -2.15 11.03 -0.11
N LEU A 128 -1.02 11.74 -0.19
CA LEU A 128 -0.59 12.83 0.73
C LEU A 128 -0.84 14.17 0.03
N ALA A 129 -1.81 14.93 0.53
CA ALA A 129 -2.25 16.21 -0.06
C ALA A 129 -1.53 17.34 0.69
N THR A 130 -1.19 18.41 -0.03
CA THR A 130 -0.59 19.62 0.58
C THR A 130 -1.68 20.63 0.93
N ALA A 131 -1.32 21.64 1.75
CA ALA A 131 -2.21 22.77 2.11
C ALA A 131 -2.67 23.48 0.83
N ASP A 132 -1.85 23.53 -0.23
CA ASP A 132 -2.19 24.22 -1.52
C ASP A 132 -2.80 23.30 -2.59
N ASP A 133 -3.28 22.12 -2.17
N ASP A 133 -3.22 22.09 -2.21
CA ASP A 133 -4.10 21.14 -2.94
CA ASP A 133 -4.10 21.23 -3.05
C ASP A 133 -3.28 20.51 -4.09
C ASP A 133 -3.29 20.46 -4.11
N PHE A 134 -2.16 19.85 -3.71
CA PHE A 134 -1.36 18.95 -4.61
C PHE A 134 -1.26 17.57 -3.94
N LEU A 135 -1.16 16.48 -4.72
CA LEU A 135 -0.64 15.17 -4.19
C LEU A 135 0.88 15.08 -4.39
N VAL A 136 1.53 14.31 -3.53
CA VAL A 136 3.00 14.13 -3.51
C VAL A 136 3.37 12.84 -4.22
N PHE A 137 4.37 12.90 -5.11
CA PHE A 137 4.93 11.74 -5.85
C PHE A 137 6.45 11.68 -5.60
N LEU A 138 7.02 10.48 -5.63
CA LEU A 138 8.49 10.20 -5.52
C LEU A 138 8.94 9.38 -6.71
N ARG A 139 10.14 9.62 -7.17
CA ARG A 139 10.77 8.87 -8.30
C ARG A 139 11.64 7.76 -7.70
N ARG A 140 11.44 6.51 -8.10
CA ARG A 140 12.23 5.35 -7.58
C ARG A 140 13.62 5.35 -8.26
N SER A 141 14.66 5.00 -7.51
CA SER A 141 16.02 4.70 -8.04
C SER A 141 15.94 3.71 -9.22
N ARG A 142 16.92 3.75 -10.13
CA ARG A 142 16.98 2.86 -11.33
C ARG A 142 17.81 1.62 -10.98
N GLN A 143 18.30 1.50 -9.75
CA GLN A 143 19.23 0.42 -9.34
C GLN A 143 18.57 -0.51 -8.29
N VAL A 144 17.28 -0.33 -7.97
CA VAL A 144 16.56 -1.25 -7.04
C VAL A 144 15.96 -2.39 -7.85
N ALA A 145 15.60 -3.47 -7.16
CA ALA A 145 15.10 -4.74 -7.74
C ALA A 145 13.70 -4.58 -8.33
N GLU A 146 12.84 -3.83 -7.65
CA GLU A 146 11.39 -3.78 -7.95
C GLU A 146 11.02 -2.44 -8.58
N ALA A 147 10.36 -2.47 -9.73
CA ALA A 147 9.82 -1.30 -10.44
C ALA A 147 10.87 -0.20 -10.53
N PRO A 148 12.12 -0.51 -10.95
CA PRO A 148 13.15 0.52 -11.00
C PRO A 148 12.76 1.73 -11.89
N GLY A 149 13.12 2.92 -11.43
CA GLY A 149 12.93 4.14 -12.22
C GLY A 149 11.47 4.51 -12.40
N LEU A 150 10.53 3.87 -11.67
CA LEU A 150 9.08 4.22 -11.79
C LEU A 150 8.69 5.30 -10.76
N VAL A 151 7.54 5.95 -10.99
CA VAL A 151 6.95 6.85 -9.97
C VAL A 151 6.27 6.04 -8.86
N ASP A 152 6.36 6.52 -7.62
CA ASP A 152 5.71 5.91 -6.43
C ASP A 152 5.00 6.99 -5.58
N VAL A 153 4.22 6.56 -4.59
CA VAL A 153 3.74 7.46 -3.51
C VAL A 153 4.47 7.05 -2.23
N PRO A 154 4.44 7.86 -1.14
CA PRO A 154 5.07 7.46 0.12
C PRO A 154 4.43 6.17 0.66
N GLY A 155 5.25 5.31 1.25
CA GLY A 155 4.77 4.17 2.03
C GLY A 155 5.88 3.16 2.24
N GLY A 156 5.50 1.92 2.59
CA GLY A 156 6.43 0.79 2.82
C GLY A 156 5.69 -0.45 3.29
N HIS A 157 6.37 -1.33 4.03
CA HIS A 157 5.85 -2.67 4.45
C HIS A 157 6.13 -2.84 5.94
N PRO A 158 5.18 -2.49 6.83
CA PRO A 158 5.43 -2.46 8.27
C PRO A 158 5.86 -3.81 8.85
N GLU A 159 6.66 -3.74 9.92
CA GLU A 159 7.18 -4.90 10.68
C GLU A 159 6.46 -4.94 12.02
N PRO A 160 5.77 -6.06 12.35
CA PRO A 160 5.16 -6.26 13.66
C PRO A 160 6.03 -5.99 14.92
N GLN A 161 5.37 -5.62 16.04
CA GLN A 161 5.96 -5.19 17.35
C GLN A 161 7.15 -4.27 17.09
N ASP A 173 -10.00 -8.40 18.93
CA ASP A 173 -9.59 -6.97 18.86
C ASP A 173 -8.69 -6.62 20.06
N LEU A 174 -8.28 -7.58 20.90
CA LEU A 174 -7.57 -7.29 22.19
C LEU A 174 -6.07 -7.51 22.07
N ALA A 175 -5.58 -8.03 20.94
CA ALA A 175 -4.27 -7.62 20.34
C ALA A 175 -4.55 -6.90 19.00
N GLY A 176 -5.74 -7.13 18.39
CA GLY A 176 -6.24 -6.52 17.15
C GLY A 176 -6.10 -5.01 17.13
N GLN A 177 -6.53 -4.31 18.18
CA GLN A 177 -6.51 -2.82 18.22
C GLN A 177 -5.06 -2.31 18.19
N LEU A 178 -4.12 -3.03 18.82
CA LEU A 178 -2.69 -2.65 18.79
C LEU A 178 -2.19 -2.78 17.35
N VAL A 179 -2.65 -3.81 16.63
CA VAL A 179 -2.23 -4.09 15.24
C VAL A 179 -2.79 -2.98 14.34
N VAL A 180 -4.04 -2.58 14.52
CA VAL A 180 -4.62 -1.47 13.72
C VAL A 180 -3.82 -0.20 14.00
N HIS A 181 -3.52 0.07 15.26
CA HIS A 181 -2.73 1.27 15.66
C HIS A 181 -1.37 1.28 14.94
N GLU A 182 -0.67 0.14 14.94
N GLU A 182 -0.70 0.12 14.93
CA GLU A 182 0.66 0.00 14.29
CA GLU A 182 0.63 -0.09 14.30
C GLU A 182 0.56 0.27 12.77
C GLU A 182 0.56 0.25 12.80
N LEU A 183 -0.48 -0.25 12.11
CA LEU A 183 -0.70 0.02 10.64
C LEU A 183 -0.87 1.53 10.40
N PHE A 184 -1.76 2.22 11.12
CA PHE A 184 -2.01 3.69 10.92
C PHE A 184 -0.74 4.50 11.30
N SER A 185 -0.09 4.15 12.40
N SER A 185 -0.05 4.16 12.38
CA SER A 185 1.21 4.74 12.87
CA SER A 185 1.19 4.85 12.80
C SER A 185 2.27 4.58 11.77
C SER A 185 2.32 4.58 11.79
N SER A 186 2.34 3.40 11.15
CA SER A 186 3.40 3.09 10.15
C SER A 186 3.30 3.98 8.90
N VAL A 187 2.11 4.33 8.40
CA VAL A 187 2.02 5.16 7.17
C VAL A 187 2.56 6.58 7.49
N LEU A 188 2.25 7.13 8.67
CA LEU A 188 2.79 8.45 9.13
C LEU A 188 4.32 8.36 9.31
N GLN A 189 4.79 7.27 9.91
CA GLN A 189 6.24 7.08 10.16
C GLN A 189 6.98 7.02 8.81
N GLU A 190 6.39 6.38 7.79
CA GLU A 190 7.00 6.24 6.43
C GLU A 190 7.07 7.62 5.76
N ILE A 191 6.04 8.43 5.98
CA ILE A 191 6.01 9.83 5.46
C ILE A 191 7.14 10.63 6.14
N CYS A 192 7.25 10.62 7.49
CA CYS A 192 8.35 11.32 8.21
C CYS A 192 9.73 10.78 7.76
N ASP A 193 9.96 9.48 7.68
CA ASP A 193 11.29 8.91 7.27
C ASP A 193 11.71 9.32 5.85
N GLU A 194 10.80 9.33 4.87
CA GLU A 194 11.18 9.46 3.44
C GLU A 194 11.03 10.93 3.00
N VAL A 195 9.93 11.62 3.36
CA VAL A 195 9.61 13.00 2.85
C VAL A 195 10.21 14.02 3.82
N ASN A 196 10.51 13.61 5.04
CA ASN A 196 11.29 14.43 5.99
C ASN A 196 10.39 15.52 6.61
N LEU A 197 9.08 15.26 6.74
CA LEU A 197 8.08 16.19 7.31
C LEU A 197 7.97 15.98 8.83
N PRO A 198 7.69 17.04 9.62
CA PRO A 198 7.38 16.88 11.04
C PRO A 198 6.04 16.17 11.18
N LEU A 199 5.99 15.25 12.15
CA LEU A 199 4.80 14.44 12.49
C LEU A 199 3.61 15.37 12.72
N LEU A 200 3.84 16.51 13.36
CA LEU A 200 2.74 17.45 13.76
C LEU A 200 2.20 18.21 12.55
N THR A 201 2.75 18.06 11.33
CA THR A 201 2.14 18.68 10.12
C THR A 201 1.15 17.73 9.42
N LEU A 202 0.95 16.52 9.98
CA LEU A 202 0.13 15.43 9.37
C LEU A 202 -1.18 15.18 10.15
N SER A 203 -2.29 15.03 9.43
CA SER A 203 -3.60 14.55 9.93
C SER A 203 -3.54 13.05 10.25
N GLN A 204 -4.46 12.59 11.09
CA GLN A 204 -4.69 11.14 11.32
C GLN A 204 -5.11 10.54 9.99
N PRO A 205 -4.49 9.40 9.56
CA PRO A 205 -4.86 8.80 8.29
C PRO A 205 -6.34 8.34 8.21
N LEU A 206 -6.91 8.36 7.01
CA LEU A 206 -8.17 7.63 6.73
C LEU A 206 -7.83 6.48 5.77
N LEU A 207 -8.32 5.26 6.01
CA LEU A 207 -8.13 4.12 5.05
C LEU A 207 -9.09 4.30 3.86
N LEU A 208 -8.55 4.41 2.65
CA LEU A 208 -9.38 4.55 1.42
C LEU A 208 -9.83 3.18 0.94
N GLY A 209 -8.97 2.15 1.07
CA GLY A 209 -9.20 0.85 0.43
C GLY A 209 -7.97 -0.05 0.46
N ILE A 210 -8.04 -1.16 -0.27
CA ILE A 210 -6.93 -2.15 -0.40
C ILE A 210 -6.84 -2.47 -1.89
N ALA A 211 -5.61 -2.45 -2.41
CA ALA A 211 -5.27 -2.70 -3.83
C ALA A 211 -4.28 -3.86 -3.87
N ARG A 212 -4.42 -4.70 -4.89
CA ARG A 212 -3.57 -5.88 -5.16
C ARG A 212 -2.70 -5.59 -6.40
N ASN A 213 -1.40 -5.88 -6.31
CA ASN A 213 -0.38 -5.82 -7.38
C ASN A 213 -0.29 -7.19 -8.09
N GLU A 214 -0.88 -7.32 -9.27
CA GLU A 214 -0.90 -8.58 -10.06
C GLU A 214 0.48 -8.86 -10.68
N THR A 215 1.34 -7.86 -10.83
CA THR A 215 2.73 -8.06 -11.32
C THR A 215 3.57 -8.72 -10.23
N SER A 216 3.11 -8.68 -8.98
CA SER A 216 3.84 -9.27 -7.83
C SER A 216 2.95 -10.35 -7.19
N ALA A 217 2.25 -11.10 -8.07
CA ALA A 217 1.49 -12.34 -7.80
C ALA A 217 0.33 -12.03 -6.84
N GLY A 218 -0.16 -10.78 -6.82
CA GLY A 218 -1.41 -10.42 -6.15
C GLY A 218 -1.23 -9.93 -4.71
N ARG A 219 -0.01 -9.63 -4.24
CA ARG A 219 0.14 -9.06 -2.87
C ARG A 219 -0.48 -7.65 -2.80
N ALA A 220 -1.04 -7.35 -1.61
CA ALA A 220 -1.96 -6.22 -1.37
C ALA A 220 -1.26 -5.12 -0.55
N SER A 221 -1.71 -3.90 -0.76
CA SER A 221 -1.33 -2.67 -0.04
C SER A 221 -2.60 -1.97 0.44
N ALA A 222 -2.66 -1.64 1.73
CA ALA A 222 -3.64 -0.66 2.28
C ALA A 222 -3.26 0.76 1.84
N GLU A 223 -4.19 1.48 1.18
CA GLU A 223 -4.00 2.85 0.68
C GLU A 223 -4.77 3.83 1.58
N PHE A 224 -4.08 4.87 2.08
CA PHE A 224 -4.57 5.84 3.11
C PHE A 224 -4.57 7.27 2.54
N TYR A 225 -5.41 8.13 3.11
CA TYR A 225 -5.43 9.57 2.77
C TYR A 225 -4.85 10.32 3.97
N VAL A 226 -3.81 11.12 3.72
CA VAL A 226 -3.20 11.97 4.77
C VAL A 226 -3.12 13.40 4.22
N GLN A 227 -3.55 14.36 5.05
N GLN A 227 -3.60 14.37 5.02
CA GLN A 227 -3.45 15.81 4.74
CA GLN A 227 -3.46 15.83 4.76
C GLN A 227 -2.24 16.39 5.50
C GLN A 227 -2.23 16.36 5.49
N CYS A 228 -1.42 17.18 4.80
CA CYS A 228 -0.30 17.95 5.40
C CYS A 228 -0.69 19.44 5.50
N SER A 229 -0.29 20.16 6.57
CA SER A 229 -0.61 21.60 6.76
C SER A 229 0.41 22.47 5.99
N LEU A 230 1.51 21.89 5.51
CA LEU A 230 2.52 22.61 4.69
C LEU A 230 2.06 22.67 3.21
N THR A 231 2.47 23.72 2.50
CA THR A 231 2.34 23.89 1.04
C THR A 231 3.34 22.99 0.30
N SER A 232 3.13 22.78 -1.00
CA SER A 232 4.03 21.98 -1.87
C SER A 232 5.46 22.55 -1.79
N GLU A 233 5.58 23.86 -1.77
CA GLU A 233 6.90 24.52 -1.75
C GLU A 233 7.62 24.12 -0.46
N GLN A 234 6.94 24.20 0.67
CA GLN A 234 7.56 23.87 1.99
C GLN A 234 7.91 22.37 2.09
N VAL A 235 7.03 21.48 1.58
CA VAL A 235 7.22 19.99 1.60
C VAL A 235 8.52 19.69 0.84
N ARG A 236 8.69 20.29 -0.35
CA ARG A 236 9.91 20.18 -1.22
C ARG A 236 11.15 20.59 -0.45
N LYS A 237 11.12 21.75 0.21
CA LYS A 237 12.26 22.22 1.03
C LYS A 237 12.61 21.13 2.05
N HIS A 238 11.62 20.60 2.79
CA HIS A 238 11.90 19.62 3.87
C HIS A 238 12.56 18.36 3.26
N TYR A 239 11.96 17.78 2.21
CA TYR A 239 12.52 16.62 1.47
C TYR A 239 13.99 16.87 1.11
N LEU A 240 14.30 17.96 0.38
CA LEU A 240 15.67 18.21 -0.17
C LEU A 240 16.68 18.44 0.97
N SER A 241 16.23 19.09 2.05
CA SER A 241 17.10 19.54 3.19
C SER A 241 17.62 18.33 3.97
N GLY A 242 17.09 17.14 3.73
CA GLY A 242 17.70 15.89 4.25
C GLY A 242 18.95 15.50 3.47
N GLY A 243 19.04 15.82 2.17
CA GLY A 243 20.22 15.53 1.34
C GLY A 243 20.12 14.16 0.71
N PRO A 244 21.02 13.77 -0.23
CA PRO A 244 20.84 12.50 -0.96
C PRO A 244 20.74 11.24 -0.07
N GLU A 245 21.27 11.25 1.16
CA GLU A 245 21.28 10.11 2.11
C GLU A 245 20.03 10.05 3.00
N ALA A 246 19.21 11.10 3.07
CA ALA A 246 18.00 11.14 3.93
C ALA A 246 16.81 10.42 3.27
N HIS A 247 16.92 10.00 2.00
CA HIS A 247 15.80 9.29 1.33
C HIS A 247 16.33 8.25 0.35
N GLU A 248 15.49 7.25 0.04
CA GLU A 248 15.75 6.14 -0.91
C GLU A 248 15.35 6.58 -2.33
N SER A 249 14.32 7.43 -2.44
CA SER A 249 13.88 8.05 -3.73
C SER A 249 14.96 8.99 -4.27
N THR A 250 14.89 9.31 -5.58
CA THR A 250 15.88 10.20 -6.26
C THR A 250 15.28 11.58 -6.59
N GLY A 251 13.97 11.81 -6.36
CA GLY A 251 13.27 13.08 -6.64
C GLY A 251 11.86 13.10 -6.05
N ILE A 252 11.30 14.30 -5.83
CA ILE A 252 9.90 14.55 -5.37
C ILE A 252 9.24 15.47 -6.41
N PHE A 253 7.94 15.34 -6.64
CA PHE A 253 7.19 16.26 -7.55
C PHE A 253 5.71 16.26 -7.14
N PHE A 254 4.91 17.16 -7.73
CA PHE A 254 3.55 17.49 -7.23
C PHE A 254 2.57 17.63 -8.40
N VAL A 255 1.38 17.05 -8.25
CA VAL A 255 0.28 17.17 -9.24
C VAL A 255 -0.93 17.76 -8.53
N GLU A 256 -1.53 18.79 -9.10
CA GLU A 256 -2.77 19.42 -8.57
C GLU A 256 -3.84 18.35 -8.41
N THR A 257 -4.56 18.35 -7.28
CA THR A 257 -5.70 17.44 -7.05
C THR A 257 -6.64 17.57 -8.26
N GLN A 258 -6.83 18.78 -8.78
CA GLN A 258 -7.67 19.00 -9.98
C GLN A 258 -7.25 18.05 -11.11
N ASN A 259 -5.96 17.91 -11.33
CA ASN A 259 -5.38 17.15 -12.47
C ASN A 259 -5.27 15.63 -12.18
N VAL A 260 -5.41 15.18 -10.92
CA VAL A 260 -5.27 13.74 -10.53
C VAL A 260 -6.47 12.96 -11.10
N ARG A 261 -7.65 13.58 -11.03
CA ARG A 261 -8.90 13.10 -11.68
C ARG A 261 -8.65 12.44 -13.06
N ARG A 262 -7.84 13.01 -13.95
CA ARG A 262 -7.67 12.42 -15.31
C ARG A 262 -6.27 11.80 -15.45
N LEU A 263 -5.60 11.50 -14.34
CA LEU A 263 -4.19 11.04 -14.42
C LEU A 263 -4.07 9.76 -15.26
N PRO A 264 -5.04 8.81 -15.24
CA PRO A 264 -4.95 7.58 -16.04
C PRO A 264 -4.99 7.83 -17.56
N GLU A 265 -5.29 9.06 -17.99
CA GLU A 265 -5.33 9.44 -19.43
C GLU A 265 -4.02 10.12 -19.85
N THR A 266 -3.08 10.36 -18.93
CA THR A 266 -1.80 11.11 -19.15
C THR A 266 -0.67 10.11 -19.40
N GLU A 267 0.48 10.61 -19.88
CA GLU A 267 1.72 9.80 -20.09
C GLU A 267 2.35 9.44 -18.74
N MET A 268 2.00 10.13 -17.66
CA MET A 268 2.53 9.79 -16.30
C MET A 268 2.10 8.34 -15.93
N TRP A 269 0.94 7.91 -16.39
CA TRP A 269 0.25 6.66 -15.92
C TRP A 269 1.15 5.44 -16.23
N ALA A 270 1.79 5.44 -17.40
CA ALA A 270 2.65 4.33 -17.86
C ALA A 270 3.95 4.27 -17.05
N GLU A 271 4.18 5.23 -16.13
CA GLU A 271 5.40 5.31 -15.28
C GLU A 271 5.06 5.08 -13.81
N LEU A 272 3.78 5.01 -13.44
CA LEU A 272 3.36 4.71 -12.05
C LEU A 272 3.53 3.21 -11.79
N CYS A 273 4.22 2.82 -10.73
CA CYS A 273 4.19 1.43 -10.22
C CYS A 273 2.76 1.10 -9.75
N PRO A 274 2.43 -0.20 -9.78
CA PRO A 274 1.07 -0.68 -9.52
C PRO A 274 0.46 -0.25 -8.16
N SER A 275 1.23 -0.25 -7.08
CA SER A 275 0.69 0.16 -5.75
C SER A 275 0.36 1.67 -5.76
N ALA A 276 1.17 2.52 -6.39
CA ALA A 276 0.84 3.96 -6.54
C ALA A 276 -0.37 4.13 -7.49
N LYS A 277 -0.55 3.27 -8.49
CA LYS A 277 -1.82 3.34 -9.29
C LYS A 277 -3.03 3.05 -8.40
N GLY A 278 -2.91 2.06 -7.49
CA GLY A 278 -3.93 1.71 -6.49
C GLY A 278 -4.35 2.91 -5.66
N ALA A 279 -3.36 3.63 -5.14
CA ALA A 279 -3.56 4.80 -4.26
C ALA A 279 -4.32 5.89 -5.03
N ILE A 280 -3.94 6.15 -6.29
CA ILE A 280 -4.58 7.22 -7.10
C ILE A 280 -6.01 6.79 -7.52
N ILE A 281 -6.24 5.54 -7.89
CA ILE A 281 -7.63 5.08 -8.23
C ILE A 281 -8.51 5.23 -6.98
N LEU A 282 -8.03 4.80 -5.80
CA LEU A 282 -8.86 4.85 -4.58
C LEU A 282 -9.08 6.31 -4.17
N TYR A 283 -8.08 7.20 -4.26
CA TYR A 283 -8.22 8.65 -4.01
C TYR A 283 -9.35 9.20 -4.88
N ASN A 284 -9.32 8.90 -6.18
CA ASN A 284 -10.33 9.36 -7.18
C ASN A 284 -11.73 8.84 -6.80
N ARG A 285 -11.88 7.58 -6.38
CA ARG A 285 -13.21 7.01 -6.07
C ARG A 285 -13.75 7.46 -4.71
N VAL A 286 -12.90 7.57 -3.70
CA VAL A 286 -13.32 7.72 -2.29
C VAL A 286 -13.27 9.18 -1.85
N GLN A 287 -12.19 9.92 -2.16
CA GLN A 287 -12.08 11.35 -1.80
C GLN A 287 -12.58 12.20 -2.98
N GLY A 288 -12.25 11.86 -4.22
CA GLY A 288 -12.88 12.54 -5.37
C GLY A 288 -14.36 12.15 -5.48
N SER A 289 -14.94 12.25 -6.69
CA SER A 289 -16.26 11.70 -7.07
C SER A 289 -17.33 12.19 -6.07
N PRO A 290 -17.66 13.50 -6.08
CA PRO A 290 -18.71 14.05 -5.23
C PRO A 290 -20.11 13.44 -5.49
N THR A 291 -20.93 13.34 -4.44
CA THR A 291 -22.26 12.67 -4.45
C THR A 291 -23.37 13.73 -4.31
N GLY A 292 -23.05 14.93 -3.81
CA GLY A 292 -24.03 15.98 -3.47
C GLY A 292 -24.19 17.00 -4.59
N ALA A 293 -25.28 17.78 -4.54
CA ALA A 293 -25.72 18.75 -5.58
C ALA A 293 -24.64 19.85 -5.74
N ALA A 294 -24.12 20.37 -4.61
CA ALA A 294 -23.12 21.47 -4.54
C ALA A 294 -21.82 21.11 -5.29
N LEU A 295 -21.07 20.08 -4.87
CA LEU A 295 -19.79 19.66 -5.54
C LEU A 295 -20.10 18.95 -6.87
N GLY A 296 -21.34 18.50 -7.08
CA GLY A 296 -21.79 17.85 -8.31
C GLY A 296 -22.03 18.82 -9.46
N SER A 297 -22.41 20.08 -9.17
CA SER A 297 -22.76 21.15 -10.15
C SER A 297 -21.70 21.25 -11.26
N PRO A 298 -22.08 21.36 -12.56
CA PRO A 298 -21.14 21.38 -13.69
C PRO A 298 -19.87 22.28 -13.63
N ALA A 299 -19.95 23.49 -13.07
CA ALA A 299 -18.80 24.43 -12.93
C ALA A 299 -17.72 23.87 -11.98
N LEU A 300 -18.13 23.08 -10.96
CA LEU A 300 -17.19 22.48 -9.95
C LEU A 300 -16.81 21.06 -10.40
N LEU A 301 -17.69 20.36 -11.13
CA LEU A 301 -17.37 19.03 -11.71
C LEU A 301 -17.51 19.11 -13.22
N PRO A 302 -16.48 19.64 -13.93
CA PRO A 302 -16.51 19.73 -15.39
C PRO A 302 -16.71 18.37 -16.07
N PRO A 303 -17.68 18.23 -17.01
CA PRO A 303 -17.88 16.97 -17.76
C PRO A 303 -16.76 16.57 -18.74
N LEU A 304 -16.44 15.28 -18.81
CA LEU A 304 -15.62 14.58 -19.84
C LEU A 304 -14.15 14.55 -19.39
#